data_4JLP
#
_entry.id   4JLP
#
_cell.length_a   67.010
_cell.length_b   70.460
_cell.length_c   85.580
_cell.angle_alpha   90.000
_cell.angle_beta   90.000
_cell.angle_gamma   90.000
#
_symmetry.space_group_name_H-M   'P 21 21 21'
#
loop_
_entity.id
_entity.type
_entity.pdbx_description
1 polymer 'Adenylate kinase'
2 non-polymer "ADENOSINE-5'-DIPHOSPHATE"
3 water water
#
_entity_poly.entity_id   1
_entity_poly.type   'polypeptide(L)'
_entity_poly.pdbx_seq_one_letter_code
;MILVFLGPPGAGKGTQAKRLAKEKGFVHISTGDILREAVQKGTPLGKKAKEYMERGELVPDDLIIALIEEVFPKHGNVIF
DGFPRTVKQAEALDEMLEKKGLKVDHVLLFEVPDEVVIERLSGRRINPETGEVYHVKYNPPPPGVKVIQKEDDKPEVIKK
RLEVYREQTAPLIEYYKKKGILRIIDASKPVEEVYRQVLEVIG
;
_entity_poly.pdbx_strand_id   A,B
#
loop_
_chem_comp.id
_chem_comp.type
_chem_comp.name
_chem_comp.formula
ADP non-polymer ADENOSINE-5'-DIPHOSPHATE 'C10 H15 N5 O10 P2'
#
# COMPACT_ATOMS: atom_id res chain seq x y z
N MET A 1 11.10 -22.42 4.27
CA MET A 1 10.64 -21.05 4.14
C MET A 1 9.78 -20.88 2.88
N ILE A 2 8.65 -20.18 3.03
CA ILE A 2 7.77 -19.90 1.92
C ILE A 2 7.67 -18.40 1.72
N LEU A 3 7.99 -17.95 0.50
CA LEU A 3 7.99 -16.53 0.16
C LEU A 3 6.97 -16.23 -0.93
N VAL A 4 6.38 -15.05 -0.85
CA VAL A 4 5.56 -14.53 -1.93
C VAL A 4 6.20 -13.24 -2.42
N PHE A 5 6.39 -13.13 -3.73
CA PHE A 5 6.86 -11.87 -4.33
C PHE A 5 5.67 -11.15 -4.94
N LEU A 6 5.47 -9.91 -4.51
CA LEU A 6 4.31 -9.11 -4.88
C LEU A 6 4.79 -7.78 -5.46
N GLY A 7 4.07 -7.25 -6.43
CA GLY A 7 4.39 -5.93 -6.95
C GLY A 7 3.96 -5.78 -8.39
N PRO A 8 4.01 -4.55 -8.91
CA PRO A 8 3.53 -4.29 -10.26
C PRO A 8 4.31 -5.09 -11.30
N PRO A 9 3.67 -5.37 -12.45
CA PRO A 9 4.39 -6.03 -13.54
C PRO A 9 5.64 -5.20 -13.92
N GLY A 10 6.76 -5.85 -14.19
CA GLY A 10 7.97 -5.13 -14.54
C GLY A 10 8.85 -4.75 -13.37
N ALA A 11 8.40 -5.06 -12.16
CA ALA A 11 9.16 -4.67 -10.96
C ALA A 11 10.48 -5.42 -10.80
N GLY A 12 10.60 -6.56 -11.48
CA GLY A 12 11.80 -7.37 -11.38
C GLY A 12 11.62 -8.63 -10.52
N LYS A 13 10.37 -9.02 -10.29
CA LYS A 13 10.07 -10.15 -9.42
C LYS A 13 10.62 -11.48 -9.96
N GLY A 14 10.40 -11.74 -11.25
CA GLY A 14 10.89 -12.94 -11.89
C GLY A 14 12.41 -12.99 -11.86
N THR A 15 13.02 -11.86 -12.14
CA THR A 15 14.47 -11.74 -12.15
C THR A 15 15.04 -12.10 -10.77
N GLN A 16 14.47 -11.52 -9.72
CA GLN A 16 14.95 -11.78 -8.36
C GLN A 16 14.61 -13.19 -7.90
N ALA A 17 13.45 -13.71 -8.30
CA ALA A 17 13.06 -15.06 -7.92
C ALA A 17 14.02 -16.10 -8.48
N LYS A 18 14.38 -15.94 -9.75
CA LYS A 18 15.34 -16.85 -10.37
C LYS A 18 16.69 -16.80 -9.66
N ARG A 19 17.12 -15.58 -9.33
CA ARG A 19 18.39 -15.35 -8.63
C ARG A 19 18.39 -16.01 -7.24
N LEU A 20 17.35 -15.76 -6.46
CA LEU A 20 17.24 -16.29 -5.09
C LEU A 20 17.05 -17.80 -5.07
N ALA A 21 16.23 -18.32 -5.98
CA ALA A 21 15.96 -19.75 -6.03
C ALA A 21 17.23 -20.52 -6.30
N LYS A 22 18.04 -20.00 -7.21
CA LYS A 22 19.25 -20.66 -7.66
C LYS A 22 20.36 -20.60 -6.61
N GLU A 23 20.45 -19.47 -5.91
CA GLU A 23 21.53 -19.26 -4.95
C GLU A 23 21.23 -19.83 -3.56
N LYS A 24 19.98 -19.74 -3.12
CA LYS A 24 19.62 -20.10 -1.76
C LYS A 24 18.73 -21.35 -1.67
N GLY A 25 18.49 -22.01 -2.80
CA GLY A 25 17.80 -23.29 -2.79
C GLY A 25 16.31 -23.22 -2.54
N PHE A 26 15.61 -22.48 -3.40
CA PHE A 26 14.16 -22.43 -3.35
C PHE A 26 13.61 -23.06 -4.61
N VAL A 27 12.45 -23.70 -4.51
CA VAL A 27 11.67 -24.04 -5.68
C VAL A 27 10.93 -22.79 -6.14
N HIS A 28 11.11 -22.43 -7.40
CA HIS A 28 10.50 -21.24 -7.98
C HIS A 28 9.21 -21.61 -8.68
N ILE A 29 8.09 -21.13 -8.13
CA ILE A 29 6.78 -21.33 -8.73
C ILE A 29 6.32 -20.04 -9.38
N SER A 30 6.44 -19.99 -10.70
CA SER A 30 6.02 -18.83 -11.46
C SER A 30 4.76 -19.18 -12.23
N THR A 31 3.63 -18.60 -11.84
CA THR A 31 2.39 -18.89 -12.54
C THR A 31 2.46 -18.46 -14.00
N GLY A 32 3.14 -17.34 -14.26
CA GLY A 32 3.34 -16.88 -15.63
C GLY A 32 4.07 -17.91 -16.47
N ASP A 33 5.18 -18.43 -15.97
CA ASP A 33 5.97 -19.40 -16.71
C ASP A 33 5.19 -20.70 -16.92
N ILE A 34 4.48 -21.12 -15.88
CA ILE A 34 3.71 -22.36 -15.97
C ILE A 34 2.53 -22.21 -16.94
N LEU A 35 1.87 -21.05 -16.90
CA LEU A 35 0.80 -20.76 -17.86
C LEU A 35 1.33 -20.73 -19.29
N ARG A 36 2.48 -20.10 -19.50
CA ARG A 36 3.03 -20.00 -20.85
C ARG A 36 3.35 -21.38 -21.42
N GLU A 37 3.85 -22.26 -20.57
CA GLU A 37 4.09 -23.64 -20.95
C GLU A 37 2.79 -24.35 -21.33
N ALA A 38 1.75 -24.16 -20.53
CA ALA A 38 0.44 -24.72 -20.80
C ALA A 38 -0.11 -24.25 -22.14
N VAL A 39 0.04 -22.96 -22.42
CA VAL A 39 -0.38 -22.39 -23.69
C VAL A 39 0.39 -23.02 -24.86
N GLN A 40 1.70 -23.12 -24.73
CA GLN A 40 2.53 -23.69 -25.79
C GLN A 40 2.10 -25.13 -26.09
N LYS A 41 1.81 -25.89 -25.03
CA LYS A 41 1.44 -27.30 -25.15
C LYS A 41 -0.01 -27.51 -25.60
N GLY A 42 -0.83 -26.47 -25.50
CA GLY A 42 -2.22 -26.57 -25.87
C GLY A 42 -3.04 -27.47 -24.96
N THR A 43 -2.72 -27.45 -23.67
CA THR A 43 -3.50 -28.20 -22.68
C THR A 43 -4.85 -27.49 -22.46
N PRO A 44 -5.79 -28.15 -21.78
CA PRO A 44 -7.07 -27.45 -21.52
C PRO A 44 -6.87 -26.13 -20.77
N LEU A 45 -5.95 -26.11 -19.80
CA LEU A 45 -5.63 -24.88 -19.11
C LEU A 45 -5.06 -23.82 -20.06
N GLY A 46 -4.10 -24.24 -20.89
CA GLY A 46 -3.44 -23.32 -21.80
C GLY A 46 -4.41 -22.69 -22.78
N LYS A 47 -5.29 -23.51 -23.35
CA LYS A 47 -6.23 -23.01 -24.34
C LYS A 47 -7.20 -22.00 -23.73
N LYS A 48 -7.59 -22.21 -22.48
CA LYS A 48 -8.50 -21.31 -21.80
C LYS A 48 -7.78 -20.05 -21.33
N ALA A 49 -6.57 -20.21 -20.82
CA ALA A 49 -5.82 -19.09 -20.23
C ALA A 49 -5.39 -18.07 -21.28
N LYS A 50 -5.12 -18.56 -22.49
CA LYS A 50 -4.50 -17.77 -23.56
C LYS A 50 -5.17 -16.43 -23.80
N GLU A 51 -6.49 -16.45 -23.93
CA GLU A 51 -7.24 -15.23 -24.27
C GLU A 51 -7.15 -14.16 -23.18
N TYR A 52 -7.15 -14.56 -21.92
CA TYR A 52 -7.02 -13.62 -20.82
C TYR A 52 -5.63 -12.99 -20.85
N MET A 53 -4.61 -13.85 -20.97
CA MET A 53 -3.23 -13.41 -20.96
C MET A 53 -2.98 -12.41 -22.09
N GLU A 54 -3.50 -12.70 -23.28
CA GLU A 54 -3.29 -11.84 -24.44
C GLU A 54 -3.92 -10.46 -24.26
N ARG A 55 -5.01 -10.40 -23.52
CA ARG A 55 -5.71 -9.14 -23.28
C ARG A 55 -5.14 -8.37 -22.09
N GLY A 56 -4.19 -8.98 -21.37
CA GLY A 56 -3.63 -8.38 -20.18
C GLY A 56 -4.50 -8.55 -18.94
N GLU A 57 -5.47 -9.45 -19.04
CA GLU A 57 -6.37 -9.73 -17.93
C GLU A 57 -5.84 -10.88 -17.10
N LEU A 58 -6.34 -11.02 -15.88
CA LEU A 58 -5.99 -12.16 -15.06
C LEU A 58 -6.75 -13.42 -15.51
N VAL A 59 -6.07 -14.55 -15.49
CA VAL A 59 -6.71 -15.84 -15.69
C VAL A 59 -7.64 -16.10 -14.50
N PRO A 60 -8.83 -16.67 -14.75
CA PRO A 60 -9.79 -16.91 -13.67
C PRO A 60 -9.23 -17.64 -12.46
N ASP A 61 -9.65 -17.21 -11.26
CA ASP A 61 -9.13 -17.73 -10.00
C ASP A 61 -9.16 -19.26 -9.88
N ASP A 62 -10.27 -19.90 -10.26
CA ASP A 62 -10.38 -21.35 -10.02
C ASP A 62 -9.31 -22.12 -10.79
N LEU A 63 -8.99 -21.65 -11.99
N LEU A 63 -8.97 -21.63 -11.97
CA LEU A 63 -7.96 -22.28 -12.81
CA LEU A 63 -7.97 -22.29 -12.81
C LEU A 63 -6.61 -22.20 -12.11
C LEU A 63 -6.58 -22.18 -12.16
N ILE A 64 -6.30 -21.02 -11.58
CA ILE A 64 -5.01 -20.76 -10.95
C ILE A 64 -4.88 -21.49 -9.63
N ILE A 65 -5.94 -21.48 -8.83
CA ILE A 65 -5.96 -22.21 -7.57
C ILE A 65 -5.74 -23.70 -7.81
N ALA A 66 -6.41 -24.26 -8.82
CA ALA A 66 -6.21 -25.67 -9.15
C ALA A 66 -4.77 -25.93 -9.58
N LEU A 67 -4.23 -25.06 -10.43
CA LEU A 67 -2.83 -25.18 -10.85
C LEU A 67 -1.87 -25.22 -9.67
N ILE A 68 -2.06 -24.32 -8.71
CA ILE A 68 -1.18 -24.27 -7.54
C ILE A 68 -1.32 -25.54 -6.70
N GLU A 69 -2.55 -26.04 -6.53
CA GLU A 69 -2.76 -27.30 -5.83
C GLU A 69 -1.97 -28.43 -6.49
N GLU A 70 -1.91 -28.39 -7.82
CA GLU A 70 -1.24 -29.43 -8.60
C GLU A 70 0.28 -29.36 -8.52
N VAL A 71 0.84 -28.16 -8.41
CA VAL A 71 2.29 -28.02 -8.51
C VAL A 71 2.99 -27.67 -7.18
N PHE A 72 2.23 -27.43 -6.13
CA PHE A 72 2.83 -27.04 -4.85
C PHE A 72 3.77 -28.12 -4.31
N PRO A 73 5.02 -27.74 -4.06
CA PRO A 73 6.04 -28.64 -3.50
C PRO A 73 5.65 -29.07 -2.09
N LYS A 74 5.65 -30.37 -1.81
CA LYS A 74 5.23 -30.87 -0.50
C LYS A 74 6.26 -30.50 0.57
N HIS A 75 7.51 -30.43 0.17
CA HIS A 75 8.59 -30.09 1.09
C HIS A 75 9.59 -29.15 0.42
N GLY A 76 10.36 -28.45 1.24
CA GLY A 76 11.38 -27.57 0.73
C GLY A 76 10.93 -26.11 0.72
N ASN A 77 11.90 -25.24 0.47
CA ASN A 77 11.62 -23.81 0.39
C ASN A 77 10.96 -23.46 -0.94
N VAL A 78 10.05 -22.49 -0.92
CA VAL A 78 9.29 -22.12 -2.11
C VAL A 78 9.22 -20.61 -2.28
N ILE A 79 9.38 -20.15 -3.52
CA ILE A 79 9.07 -18.77 -3.86
C ILE A 79 7.87 -18.79 -4.80
N PHE A 80 6.76 -18.19 -4.35
CA PHE A 80 5.61 -17.97 -5.22
C PHE A 80 5.80 -16.62 -5.89
N ASP A 81 5.88 -16.66 -7.21
CA ASP A 81 6.27 -15.51 -8.00
C ASP A 81 5.18 -15.25 -9.02
N GLY A 82 4.33 -14.29 -8.72
CA GLY A 82 3.20 -13.98 -9.58
C GLY A 82 1.91 -14.59 -9.06
N PHE A 83 2.00 -15.29 -7.93
CA PHE A 83 0.85 -15.86 -7.25
C PHE A 83 1.02 -15.59 -5.76
N PRO A 84 -0.05 -15.21 -5.05
CA PRO A 84 -1.41 -14.90 -5.54
C PRO A 84 -1.49 -13.55 -6.23
N ARG A 85 -2.52 -13.38 -7.06
CA ARG A 85 -2.75 -12.13 -7.77
C ARG A 85 -4.08 -11.49 -7.38
N THR A 86 -4.87 -12.20 -6.58
CA THR A 86 -6.15 -11.69 -6.09
C THR A 86 -6.35 -12.11 -4.65
N VAL A 87 -7.28 -11.45 -3.96
CA VAL A 87 -7.58 -11.81 -2.58
C VAL A 87 -8.10 -13.25 -2.48
N LYS A 88 -8.97 -13.65 -3.41
CA LYS A 88 -9.48 -15.03 -3.42
C LYS A 88 -8.33 -16.04 -3.53
N GLN A 89 -7.35 -15.73 -4.36
CA GLN A 89 -6.18 -16.59 -4.50
C GLN A 89 -5.37 -16.64 -3.21
N ALA A 90 -5.21 -15.49 -2.55
CA ALA A 90 -4.45 -15.43 -1.30
C ALA A 90 -5.16 -16.21 -0.20
N GLU A 91 -6.48 -16.10 -0.16
CA GLU A 91 -7.26 -16.86 0.82
C GLU A 91 -7.12 -18.36 0.57
N ALA A 92 -7.16 -18.76 -0.69
CA ALA A 92 -7.00 -20.17 -1.04
C ALA A 92 -5.61 -20.69 -0.65
N LEU A 93 -4.59 -19.87 -0.90
CA LEU A 93 -3.23 -20.23 -0.52
C LEU A 93 -3.09 -20.44 0.98
N ASP A 94 -3.63 -19.50 1.77
CA ASP A 94 -3.60 -19.64 3.22
C ASP A 94 -4.24 -20.95 3.66
N GLU A 95 -5.39 -21.29 3.07
CA GLU A 95 -6.12 -22.52 3.40
C GLU A 95 -5.33 -23.77 3.04
N MET A 96 -4.74 -23.77 1.84
CA MET A 96 -3.91 -24.89 1.38
C MET A 96 -2.77 -25.14 2.35
N LEU A 97 -2.06 -24.08 2.69
CA LEU A 97 -0.89 -24.21 3.54
C LEU A 97 -1.28 -24.65 4.93
N GLU A 98 -2.38 -24.12 5.45
CA GLU A 98 -2.79 -24.42 6.81
C GLU A 98 -3.10 -25.89 6.96
N LYS A 99 -3.67 -26.50 5.93
CA LYS A 99 -3.97 -27.93 5.93
C LYS A 99 -2.71 -28.77 6.03
N LYS A 100 -1.58 -28.20 5.61
CA LYS A 100 -0.30 -28.89 5.61
C LYS A 100 0.60 -28.45 6.76
N GLY A 101 0.06 -27.63 7.65
CA GLY A 101 0.82 -27.13 8.79
C GLY A 101 1.86 -26.09 8.40
N LEU A 102 1.64 -25.47 7.23
CA LEU A 102 2.58 -24.50 6.69
C LEU A 102 1.96 -23.10 6.69
N LYS A 103 2.77 -22.11 6.34
CA LYS A 103 2.28 -20.75 6.20
C LYS A 103 3.21 -19.97 5.30
N VAL A 104 2.75 -18.81 4.81
CA VAL A 104 3.64 -17.91 4.12
C VAL A 104 4.49 -17.22 5.18
N ASP A 105 5.81 -17.28 5.01
CA ASP A 105 6.72 -16.70 6.00
C ASP A 105 6.95 -15.21 5.80
N HIS A 106 7.15 -14.81 4.55
CA HIS A 106 7.39 -13.40 4.24
C HIS A 106 6.80 -13.07 2.89
N VAL A 107 6.21 -11.90 2.78
CA VAL A 107 5.76 -11.37 1.51
C VAL A 107 6.59 -10.15 1.20
N LEU A 108 7.29 -10.18 0.07
CA LEU A 108 8.15 -9.06 -0.30
C LEU A 108 7.42 -8.22 -1.35
N LEU A 109 7.22 -6.95 -1.03
CA LEU A 109 6.60 -6.01 -1.96
C LEU A 109 7.68 -5.27 -2.73
N PHE A 110 7.69 -5.47 -4.03
CA PHE A 110 8.65 -4.82 -4.91
C PHE A 110 8.10 -3.48 -5.38
N GLU A 111 8.44 -2.42 -4.65
N GLU A 111 8.49 -2.41 -4.68
CA GLU A 111 7.93 -1.08 -4.92
CA GLU A 111 8.01 -1.07 -4.97
C GLU A 111 8.70 -0.39 -6.03
C GLU A 111 8.74 -0.41 -6.13
N VAL A 112 7.97 0.18 -6.98
N VAL A 112 7.99 -0.02 -7.16
CA VAL A 112 8.59 0.86 -8.10
CA VAL A 112 8.53 0.79 -8.25
C VAL A 112 7.55 1.74 -8.77
C VAL A 112 7.48 1.78 -8.71
N PRO A 113 7.90 2.99 -9.10
CA PRO A 113 6.93 3.93 -9.68
C PRO A 113 6.43 3.49 -11.05
N ASP A 114 5.22 3.94 -11.41
CA ASP A 114 4.61 3.58 -12.69
C ASP A 114 5.50 3.87 -13.89
N GLU A 115 6.19 5.02 -13.86
CA GLU A 115 7.04 5.41 -14.96
C GLU A 115 8.17 4.41 -15.17
N VAL A 116 8.72 3.89 -14.07
CA VAL A 116 9.78 2.91 -14.18
C VAL A 116 9.23 1.59 -14.72
N VAL A 117 8.06 1.19 -14.21
CA VAL A 117 7.35 0.01 -14.70
C VAL A 117 7.23 0.02 -16.22
N ILE A 118 6.75 1.13 -16.76
CA ILE A 118 6.51 1.25 -18.18
C ILE A 118 7.81 1.13 -18.97
N GLU A 119 8.89 1.72 -18.45
CA GLU A 119 10.22 1.58 -19.04
C GLU A 119 10.74 0.14 -18.96
N ARG A 120 10.52 -0.51 -17.82
CA ARG A 120 10.93 -1.92 -17.64
C ARG A 120 10.25 -2.81 -18.67
N LEU A 121 8.94 -2.65 -18.80
CA LEU A 121 8.18 -3.57 -19.65
C LEU A 121 8.39 -3.29 -21.13
N SER A 122 8.42 -2.01 -21.50
CA SER A 122 8.58 -1.66 -22.92
C SER A 122 9.94 -2.12 -23.46
N GLY A 123 10.93 -2.20 -22.59
CA GLY A 123 12.28 -2.59 -22.99
C GLY A 123 12.58 -4.06 -22.74
N ARG A 124 11.59 -4.78 -22.22
CA ARG A 124 11.77 -6.19 -21.93
C ARG A 124 11.83 -7.01 -23.20
N ARG A 125 12.80 -7.91 -23.26
CA ARG A 125 12.92 -8.84 -24.37
C ARG A 125 13.14 -10.21 -23.77
N ILE A 126 12.57 -11.24 -24.39
CA ILE A 126 12.76 -12.58 -23.88
C ILE A 126 13.26 -13.53 -24.95
N ASN A 127 14.05 -14.50 -24.53
CA ASN A 127 14.38 -15.64 -25.37
C ASN A 127 13.14 -16.54 -25.37
N PRO A 128 12.49 -16.68 -26.53
CA PRO A 128 11.24 -17.42 -26.67
C PRO A 128 11.36 -18.89 -26.23
N GLU A 129 12.56 -19.45 -26.34
CA GLU A 129 12.77 -20.87 -26.05
C GLU A 129 13.08 -21.13 -24.58
N THR A 130 13.89 -20.28 -23.98
CA THR A 130 14.36 -20.51 -22.61
C THR A 130 13.58 -19.70 -21.58
N GLY A 131 12.87 -18.67 -22.05
CA GLY A 131 12.17 -17.78 -21.15
C GLY A 131 13.09 -16.77 -20.50
N GLU A 132 14.37 -16.78 -20.87
CA GLU A 132 15.34 -15.86 -20.29
C GLU A 132 14.99 -14.42 -20.62
N VAL A 133 15.05 -13.58 -19.61
CA VAL A 133 14.57 -12.21 -19.72
C VAL A 133 15.73 -11.22 -19.79
N TYR A 134 15.62 -10.28 -20.72
CA TYR A 134 16.63 -9.26 -20.92
C TYR A 134 15.96 -7.89 -20.94
N HIS A 135 16.76 -6.83 -20.99
CA HIS A 135 16.22 -5.48 -21.16
C HIS A 135 17.11 -4.72 -22.14
N VAL A 136 16.50 -4.09 -23.13
CA VAL A 136 17.27 -3.42 -24.19
C VAL A 136 18.27 -2.39 -23.69
N LYS A 137 17.97 -1.76 -22.55
CA LYS A 137 18.89 -0.80 -21.95
C LYS A 137 19.68 -1.38 -20.77
N TYR A 138 18.99 -1.99 -19.82
CA TYR A 138 19.62 -2.36 -18.54
C TYR A 138 20.30 -3.73 -18.54
N ASN A 139 19.98 -4.57 -19.50
CA ASN A 139 20.61 -5.88 -19.62
C ASN A 139 20.44 -6.43 -21.03
N PRO A 140 21.14 -5.83 -22.00
CA PRO A 140 20.94 -6.20 -23.41
C PRO A 140 21.35 -7.64 -23.69
N PRO A 141 20.60 -8.33 -24.56
CA PRO A 141 20.98 -9.70 -24.90
C PRO A 141 22.23 -9.69 -25.75
N PRO A 142 23.06 -10.75 -25.64
CA PRO A 142 24.21 -10.85 -26.53
C PRO A 142 23.75 -10.92 -27.98
N PRO A 143 24.59 -10.44 -28.92
CA PRO A 143 24.20 -10.58 -30.32
C PRO A 143 24.23 -12.06 -30.68
N GLY A 144 23.31 -12.52 -31.51
CA GLY A 144 23.28 -13.92 -31.86
C GLY A 144 22.39 -14.74 -30.95
N VAL A 145 21.93 -14.14 -29.86
CA VAL A 145 20.87 -14.75 -29.07
C VAL A 145 19.54 -14.16 -29.54
N LYS A 146 18.67 -15.02 -30.06
CA LYS A 146 17.40 -14.57 -30.60
C LYS A 146 16.40 -14.22 -29.49
N VAL A 147 15.96 -12.96 -29.49
CA VAL A 147 14.94 -12.53 -28.54
C VAL A 147 13.75 -11.91 -29.28
N ILE A 148 12.65 -11.75 -28.56
CA ILE A 148 11.47 -11.09 -29.10
C ILE A 148 10.90 -10.15 -28.05
N GLN A 149 10.02 -9.26 -28.49
CA GLN A 149 9.21 -8.50 -27.55
C GLN A 149 7.87 -9.19 -27.44
N LYS A 150 7.47 -9.53 -26.22
CA LYS A 150 6.19 -10.17 -25.97
C LYS A 150 5.04 -9.23 -26.34
N GLU A 151 3.96 -9.79 -26.87
CA GLU A 151 2.82 -8.99 -27.26
C GLU A 151 2.21 -8.26 -26.07
N ASP A 152 2.26 -8.88 -24.89
CA ASP A 152 1.66 -8.25 -23.72
C ASP A 152 2.56 -7.15 -23.12
N ASP A 153 3.73 -6.96 -23.73
CA ASP A 153 4.65 -5.91 -23.30
C ASP A 153 4.60 -4.69 -24.22
N LYS A 154 3.59 -4.64 -25.08
CA LYS A 154 3.37 -3.48 -25.93
C LYS A 154 2.54 -2.44 -25.15
N PRO A 155 2.61 -1.16 -25.53
CA PRO A 155 2.07 -0.06 -24.70
C PRO A 155 0.63 -0.26 -24.23
N GLU A 156 -0.24 -0.68 -25.15
CA GLU A 156 -1.66 -0.84 -24.85
C GLU A 156 -1.91 -1.90 -23.78
N VAL A 157 -1.19 -3.01 -23.88
CA VAL A 157 -1.40 -4.10 -22.95
C VAL A 157 -0.73 -3.83 -21.61
N ILE A 158 0.38 -3.11 -21.64
CA ILE A 158 1.02 -2.68 -20.39
C ILE A 158 0.06 -1.83 -19.57
N LYS A 159 -0.63 -0.91 -20.24
CA LYS A 159 -1.58 0.00 -19.59
C LYS A 159 -2.67 -0.80 -18.90
N LYS A 160 -3.23 -1.76 -19.64
CA LYS A 160 -4.25 -2.66 -19.10
C LYS A 160 -3.72 -3.45 -17.91
N ARG A 161 -2.54 -4.04 -18.06
CA ARG A 161 -1.94 -4.86 -17.01
C ARG A 161 -1.74 -4.06 -15.72
N LEU A 162 -1.30 -2.82 -15.85
CA LEU A 162 -1.08 -2.00 -14.66
C LEU A 162 -2.41 -1.62 -14.00
N GLU A 163 -3.44 -1.34 -14.81
CA GLU A 163 -4.77 -1.09 -14.28
C GLU A 163 -5.30 -2.32 -13.52
N VAL A 164 -5.17 -3.49 -14.12
CA VAL A 164 -5.59 -4.75 -13.50
C VAL A 164 -4.83 -4.98 -12.20
N TYR A 165 -3.53 -4.71 -12.21
CA TYR A 165 -2.74 -4.83 -11.00
C TYR A 165 -3.27 -3.93 -9.88
N ARG A 166 -3.50 -2.66 -10.19
N ARG A 166 -3.51 -2.66 -10.19
CA ARG A 166 -4.00 -1.72 -9.19
CA ARG A 166 -3.99 -1.71 -9.18
C ARG A 166 -5.34 -2.14 -8.63
C ARG A 166 -5.38 -2.07 -8.63
N GLU A 167 -6.25 -2.58 -9.50
CA GLU A 167 -7.59 -2.95 -9.08
C GLU A 167 -7.63 -4.25 -8.27
N GLN A 168 -6.99 -5.29 -8.77
CA GLN A 168 -7.19 -6.63 -8.25
C GLN A 168 -6.06 -7.14 -7.36
N THR A 169 -4.83 -6.71 -7.67
CA THR A 169 -3.65 -7.26 -7.01
C THR A 169 -3.09 -6.39 -5.87
N ALA A 170 -3.07 -5.08 -6.06
CA ALA A 170 -2.61 -4.17 -5.01
C ALA A 170 -3.30 -4.35 -3.64
N PRO A 171 -4.60 -4.74 -3.59
CA PRO A 171 -5.18 -4.98 -2.27
C PRO A 171 -4.47 -6.06 -1.45
N LEU A 172 -3.68 -6.91 -2.10
CA LEU A 172 -2.91 -7.91 -1.37
C LEU A 172 -1.86 -7.29 -0.45
N ILE A 173 -1.44 -6.06 -0.74
CA ILE A 173 -0.47 -5.38 0.11
C ILE A 173 -1.05 -5.27 1.53
N GLU A 174 -2.27 -4.78 1.63
CA GLU A 174 -2.91 -4.64 2.94
C GLU A 174 -3.27 -6.00 3.54
N TYR A 175 -3.70 -6.94 2.70
CA TYR A 175 -4.00 -8.30 3.15
C TYR A 175 -2.83 -8.91 3.92
N TYR A 176 -1.63 -8.78 3.34
CA TYR A 176 -0.45 -9.38 3.95
C TYR A 176 0.17 -8.52 5.06
N LYS A 177 0.05 -7.21 4.92
CA LYS A 177 0.51 -6.29 5.94
C LYS A 177 -0.12 -6.62 7.30
N LYS A 178 -1.43 -6.88 7.27
CA LYS A 178 -2.19 -7.15 8.48
C LYS A 178 -1.95 -8.55 9.06
N LYS A 179 -1.18 -9.36 8.35
CA LYS A 179 -0.72 -10.65 8.87
C LYS A 179 0.65 -10.49 9.53
N GLY A 180 1.23 -9.30 9.38
CA GLY A 180 2.51 -8.97 9.99
C GLY A 180 3.72 -9.44 9.21
N ILE A 181 3.51 -9.92 7.98
CA ILE A 181 4.61 -10.56 7.26
C ILE A 181 5.13 -9.81 6.03
N LEU A 182 4.63 -8.59 5.82
CA LEU A 182 5.04 -7.81 4.66
C LEU A 182 6.38 -7.13 4.88
N ARG A 183 7.25 -7.22 3.88
CA ARG A 183 8.51 -6.47 3.88
C ARG A 183 8.59 -5.67 2.59
N ILE A 184 9.17 -4.48 2.70
CA ILE A 184 9.24 -3.54 1.59
C ILE A 184 10.61 -3.60 0.90
N ILE A 185 10.58 -3.71 -0.42
CA ILE A 185 11.78 -3.69 -1.25
C ILE A 185 11.72 -2.48 -2.18
N ASP A 186 12.80 -1.71 -2.25
CA ASP A 186 12.88 -0.68 -3.28
C ASP A 186 13.36 -1.33 -4.58
N ALA A 187 12.39 -1.70 -5.42
CA ALA A 187 12.68 -2.45 -6.63
C ALA A 187 13.12 -1.56 -7.78
N SER A 188 13.23 -0.25 -7.54
CA SER A 188 13.65 0.69 -8.58
C SER A 188 15.17 0.73 -8.73
N LYS A 189 15.89 0.13 -7.78
CA LYS A 189 17.34 0.17 -7.77
C LYS A 189 17.88 -0.81 -8.80
N PRO A 190 19.19 -0.77 -9.06
CA PRO A 190 19.79 -1.77 -9.98
C PRO A 190 19.67 -3.20 -9.42
N VAL A 191 19.80 -4.18 -10.32
N VAL A 191 19.80 -4.18 -10.32
CA VAL A 191 19.50 -5.57 -9.99
CA VAL A 191 19.52 -5.58 -9.99
C VAL A 191 20.25 -6.12 -8.76
C VAL A 191 20.25 -6.13 -8.77
N GLU A 192 21.55 -5.89 -8.68
CA GLU A 192 22.33 -6.42 -7.57
C GLU A 192 21.99 -5.76 -6.24
N GLU A 193 21.66 -4.47 -6.28
CA GLU A 193 21.25 -3.76 -5.08
C GLU A 193 19.90 -4.30 -4.57
N VAL A 194 18.96 -4.50 -5.48
CA VAL A 194 17.68 -5.09 -5.12
C VAL A 194 17.90 -6.48 -4.49
N TYR A 195 18.76 -7.30 -5.10
CA TYR A 195 19.00 -8.63 -4.59
C TYR A 195 19.56 -8.60 -3.16
N ARG A 196 20.46 -7.66 -2.89
CA ARG A 196 21.00 -7.53 -1.54
C ARG A 196 19.90 -7.22 -0.54
N GLN A 197 18.92 -6.42 -0.94
CA GLN A 197 17.83 -6.08 -0.03
C GLN A 197 16.89 -7.26 0.18
N VAL A 198 16.69 -8.06 -0.87
CA VAL A 198 15.93 -9.29 -0.76
C VAL A 198 16.56 -10.22 0.28
N LEU A 199 17.88 -10.38 0.21
CA LEU A 199 18.59 -11.22 1.17
C LEU A 199 18.50 -10.66 2.58
N GLU A 200 18.52 -9.33 2.67
CA GLU A 200 18.47 -8.64 3.95
C GLU A 200 17.15 -8.89 4.69
N VAL A 201 16.03 -8.70 3.98
CA VAL A 201 14.72 -8.76 4.64
C VAL A 201 14.28 -10.18 5.02
N ILE A 202 14.83 -11.19 4.34
CA ILE A 202 14.50 -12.56 4.67
C ILE A 202 15.51 -13.21 5.62
N GLY A 203 16.54 -12.45 5.99
CA GLY A 203 17.59 -12.94 6.87
C GLY A 203 17.51 -12.35 8.26
N MET B 1 4.22 -2.07 16.88
CA MET B 1 4.26 -0.66 17.23
C MET B 1 2.99 0.05 16.80
N ILE B 2 2.43 0.85 17.71
CA ILE B 2 1.25 1.64 17.42
C ILE B 2 1.54 3.12 17.65
N LEU B 3 1.28 3.92 16.61
CA LEU B 3 1.50 5.37 16.64
C LEU B 3 0.17 6.09 16.49
N VAL B 4 0.06 7.24 17.14
CA VAL B 4 -1.04 8.17 16.90
C VAL B 4 -0.42 9.47 16.44
N PHE B 5 -0.88 9.99 15.31
CA PHE B 5 -0.48 11.33 14.85
C PHE B 5 -1.55 12.31 15.29
N LEU B 6 -1.14 13.29 16.08
CA LEU B 6 -2.08 14.24 16.67
C LEU B 6 -1.72 15.65 16.20
N GLY B 7 -2.73 16.47 15.92
CA GLY B 7 -2.48 17.88 15.62
C GLY B 7 -3.56 18.49 14.77
N PRO B 8 -3.50 19.82 14.58
CA PRO B 8 -4.57 20.52 13.86
C PRO B 8 -4.68 20.06 12.42
N PRO B 9 -5.88 20.19 11.82
CA PRO B 9 -6.01 19.95 10.38
C PRO B 9 -5.02 20.81 9.62
N GLY B 10 -4.38 20.22 8.62
CA GLY B 10 -3.39 20.91 7.82
C GLY B 10 -1.97 20.82 8.33
N ALA B 11 -1.77 20.14 9.46
CA ALA B 11 -0.42 20.04 10.03
C ALA B 11 0.52 19.18 9.18
N GLY B 12 -0.07 18.31 8.35
CA GLY B 12 0.70 17.42 7.49
C GLY B 12 0.71 15.97 7.95
N LYS B 13 -0.28 15.59 8.76
CA LYS B 13 -0.36 14.25 9.33
C LYS B 13 -0.60 13.18 8.27
N GLY B 14 -1.57 13.42 7.39
CA GLY B 14 -1.87 12.48 6.31
C GLY B 14 -0.66 12.25 5.40
N THR B 15 0.01 13.34 5.05
CA THR B 15 1.18 13.29 4.19
C THR B 15 2.24 12.38 4.81
N GLN B 16 2.53 12.57 6.09
CA GLN B 16 3.53 11.73 6.76
C GLN B 16 3.08 10.29 6.93
N ALA B 17 1.82 10.10 7.29
CA ALA B 17 1.29 8.75 7.50
C ALA B 17 1.35 7.93 6.21
N LYS B 18 1.01 8.55 5.09
N LYS B 18 1.01 8.55 5.09
CA LYS B 18 1.03 7.87 3.79
CA LYS B 18 1.03 7.87 3.81
C LYS B 18 2.44 7.42 3.42
C LYS B 18 2.46 7.40 3.46
N ARG B 19 3.42 8.30 3.64
CA ARG B 19 4.79 7.97 3.31
C ARG B 19 5.35 6.87 4.20
N LEU B 20 5.03 6.93 5.50
CA LEU B 20 5.51 5.94 6.44
C LEU B 20 4.90 4.56 6.13
N ALA B 21 3.63 4.56 5.77
CA ALA B 21 2.97 3.32 5.38
C ALA B 21 3.63 2.73 4.13
N LYS B 22 3.88 3.58 3.14
CA LYS B 22 4.47 3.12 1.88
C LYS B 22 5.90 2.61 2.08
N GLU B 23 6.72 3.39 2.79
CA GLU B 23 8.14 3.08 2.87
C GLU B 23 8.50 2.08 3.98
N LYS B 24 7.76 2.10 5.08
CA LYS B 24 8.08 1.28 6.23
C LYS B 24 7.05 0.18 6.52
N GLY B 25 5.97 0.14 5.73
CA GLY B 25 5.02 -0.96 5.83
C GLY B 25 4.01 -0.88 6.96
N PHE B 26 3.87 0.30 7.57
CA PHE B 26 2.83 0.49 8.58
C PHE B 26 1.44 0.36 7.97
N VAL B 27 0.50 -0.13 8.76
CA VAL B 27 -0.91 -0.08 8.40
C VAL B 27 -1.44 1.33 8.70
N HIS B 28 -1.88 2.05 7.67
CA HIS B 28 -2.37 3.40 7.83
C HIS B 28 -3.87 3.35 8.08
N ILE B 29 -4.30 3.76 9.27
CA ILE B 29 -5.73 3.88 9.55
C ILE B 29 -6.10 5.36 9.48
N SER B 30 -6.64 5.76 8.33
CA SER B 30 -7.06 7.13 8.11
C SER B 30 -8.56 7.17 8.21
N THR B 31 -9.10 7.74 9.28
CA THR B 31 -10.55 7.78 9.41
C THR B 31 -11.19 8.65 8.32
N GLY B 32 -10.50 9.70 7.89
CA GLY B 32 -11.00 10.50 6.78
C GLY B 32 -11.15 9.70 5.49
N ASP B 33 -10.12 8.92 5.16
CA ASP B 33 -10.18 8.12 3.93
C ASP B 33 -11.28 7.05 4.05
N ILE B 34 -11.34 6.38 5.20
CA ILE B 34 -12.29 5.30 5.38
C ILE B 34 -13.72 5.84 5.36
N LEU B 35 -13.95 6.96 6.02
CA LEU B 35 -15.27 7.59 6.00
C LEU B 35 -15.65 8.08 4.61
N ARG B 36 -14.70 8.64 3.88
CA ARG B 36 -15.00 9.11 2.53
C ARG B 36 -15.41 7.94 1.64
N GLU B 37 -14.77 6.79 1.84
N GLU B 37 -14.78 6.79 1.84
CA GLU B 37 -15.11 5.59 1.10
CA GLU B 37 -15.14 5.60 1.07
C GLU B 37 -16.53 5.13 1.45
C GLU B 37 -16.55 5.12 1.45
N ALA B 38 -16.87 5.16 2.74
CA ALA B 38 -18.20 4.78 3.20
C ALA B 38 -19.28 5.66 2.60
N VAL B 39 -19.03 6.97 2.54
CA VAL B 39 -19.98 7.89 1.95
C VAL B 39 -20.15 7.60 0.46
N GLN B 40 -19.04 7.41 -0.24
N GLN B 40 -19.04 7.40 -0.25
CA GLN B 40 -19.05 7.08 -1.66
CA GLN B 40 -19.10 7.10 -1.67
C GLN B 40 -19.86 5.81 -1.93
C GLN B 40 -19.87 5.81 -1.94
N LYS B 41 -19.66 4.80 -1.09
CA LYS B 41 -20.31 3.51 -1.26
C LYS B 41 -21.76 3.50 -0.76
N GLY B 42 -22.16 4.56 -0.04
CA GLY B 42 -23.52 4.65 0.46
C GLY B 42 -23.90 3.59 1.47
N THR B 43 -22.95 3.23 2.33
CA THR B 43 -23.20 2.27 3.40
C THR B 43 -24.01 2.97 4.50
N PRO B 44 -24.54 2.20 5.48
CA PRO B 44 -25.26 2.87 6.56
C PRO B 44 -24.38 3.86 7.33
N LEU B 45 -23.10 3.52 7.52
CA LEU B 45 -22.17 4.45 8.12
C LEU B 45 -22.03 5.70 7.25
N GLY B 46 -21.83 5.51 5.95
CA GLY B 46 -21.63 6.62 5.03
C GLY B 46 -22.80 7.58 5.02
N LYS B 47 -24.02 7.05 5.00
CA LYS B 47 -25.20 7.89 4.92
C LYS B 47 -25.39 8.71 6.18
N LYS B 48 -25.00 8.15 7.31
CA LYS B 48 -25.07 8.86 8.59
C LYS B 48 -23.93 9.88 8.70
N ALA B 49 -22.75 9.52 8.21
CA ALA B 49 -21.57 10.37 8.39
C ALA B 49 -21.57 11.61 7.49
N LYS B 50 -22.16 11.48 6.31
CA LYS B 50 -22.09 12.49 5.25
C LYS B 50 -22.36 13.92 5.73
N GLU B 51 -23.47 14.12 6.42
CA GLU B 51 -23.88 15.46 6.80
C GLU B 51 -22.94 16.09 7.84
N TYR B 52 -22.34 15.28 8.72
CA TYR B 52 -21.34 15.80 9.65
C TYR B 52 -20.09 16.22 8.90
N MET B 53 -19.56 15.32 8.07
CA MET B 53 -18.34 15.57 7.32
C MET B 53 -18.43 16.82 6.45
N GLU B 54 -19.54 16.98 5.74
CA GLU B 54 -19.69 18.10 4.82
C GLU B 54 -19.72 19.45 5.55
N ARG B 55 -20.03 19.42 6.84
CA ARG B 55 -20.05 20.61 7.69
C ARG B 55 -18.76 20.82 8.48
N GLY B 56 -17.87 19.83 8.48
CA GLY B 56 -16.66 19.92 9.27
C GLY B 56 -16.87 19.50 10.72
N GLU B 57 -18.03 18.89 11.00
CA GLU B 57 -18.35 18.41 12.34
C GLU B 57 -17.83 17.00 12.52
N LEU B 58 -17.52 16.61 13.75
CA LEU B 58 -17.16 15.21 13.99
C LEU B 58 -18.36 14.27 13.86
N VAL B 59 -18.11 13.12 13.25
CA VAL B 59 -19.10 12.05 13.23
C VAL B 59 -19.25 11.53 14.67
N PRO B 60 -20.47 11.16 15.08
CA PRO B 60 -20.67 10.70 16.47
C PRO B 60 -19.73 9.58 16.91
N ASP B 61 -19.28 9.66 18.16
CA ASP B 61 -18.29 8.75 18.73
C ASP B 61 -18.60 7.26 18.54
N ASP B 62 -19.84 6.86 18.80
CA ASP B 62 -20.19 5.43 18.75
C ASP B 62 -19.89 4.82 17.40
N LEU B 63 -20.16 5.58 16.35
CA LEU B 63 -19.99 5.10 14.99
C LEU B 63 -18.52 4.95 14.69
N ILE B 64 -17.71 5.90 15.13
CA ILE B 64 -16.29 5.89 14.85
C ILE B 64 -15.56 4.82 15.67
N ILE B 65 -15.94 4.67 16.93
CA ILE B 65 -15.38 3.62 17.77
C ILE B 65 -15.64 2.23 17.17
N ALA B 66 -16.86 2.01 16.69
CA ALA B 66 -17.17 0.75 16.01
C ALA B 66 -16.32 0.58 14.74
N LEU B 67 -16.18 1.65 13.97
CA LEU B 67 -15.38 1.60 12.76
C LEU B 67 -13.95 1.17 13.07
N ILE B 68 -13.35 1.73 14.12
CA ILE B 68 -11.99 1.36 14.50
C ILE B 68 -11.91 -0.10 14.93
N GLU B 69 -12.88 -0.56 15.70
CA GLU B 69 -12.93 -1.98 16.07
C GLU B 69 -13.00 -2.88 14.82
N GLU B 70 -13.68 -2.40 13.78
CA GLU B 70 -13.82 -3.17 12.55
C GLU B 70 -12.53 -3.25 11.74
N VAL B 71 -11.78 -2.16 11.69
CA VAL B 71 -10.62 -2.12 10.80
C VAL B 71 -9.28 -2.37 11.47
N PHE B 72 -9.24 -2.35 12.82
CA PHE B 72 -7.96 -2.56 13.49
C PHE B 72 -7.40 -3.95 13.19
N PRO B 73 -6.15 -4.02 12.72
CA PRO B 73 -5.61 -5.28 12.21
C PRO B 73 -5.14 -6.25 13.29
N LYS B 74 -5.19 -7.54 12.97
CA LYS B 74 -4.73 -8.58 13.89
C LYS B 74 -3.23 -8.50 14.15
N HIS B 75 -2.47 -8.05 13.16
CA HIS B 75 -1.02 -7.93 13.27
C HIS B 75 -0.57 -6.72 12.47
N GLY B 76 0.73 -6.42 12.57
CA GLY B 76 1.29 -5.30 11.86
C GLY B 76 1.44 -4.06 12.72
N ASN B 77 2.29 -3.14 12.27
CA ASN B 77 2.44 -1.86 12.94
C ASN B 77 1.36 -0.92 12.45
N VAL B 78 0.88 -0.04 13.30
CA VAL B 78 -0.27 0.79 12.96
C VAL B 78 0.01 2.27 13.15
N ILE B 79 -0.46 3.07 12.17
CA ILE B 79 -0.53 4.53 12.33
C ILE B 79 -1.99 4.98 12.39
N PHE B 80 -2.41 5.53 13.52
CA PHE B 80 -3.73 6.16 13.63
C PHE B 80 -3.61 7.60 13.16
N ASP B 81 -4.39 7.93 12.13
CA ASP B 81 -4.29 9.22 11.47
C ASP B 81 -5.71 9.76 11.29
N GLY B 82 -6.16 10.53 12.27
CA GLY B 82 -7.53 11.02 12.27
C GLY B 82 -8.34 10.51 13.44
N PHE B 83 -7.76 9.58 14.20
CA PHE B 83 -8.38 8.99 15.37
C PHE B 83 -7.30 8.83 16.43
N PRO B 84 -7.62 9.08 17.71
CA PRO B 84 -8.90 9.58 18.23
C PRO B 84 -9.02 11.09 18.07
N ARG B 85 -10.24 11.62 18.07
CA ARG B 85 -10.47 13.04 17.92
C ARG B 85 -11.16 13.64 19.14
N THR B 86 -11.58 12.79 20.07
CA THR B 86 -12.21 13.25 21.30
C THR B 86 -11.65 12.43 22.44
N VAL B 87 -11.83 12.92 23.66
CA VAL B 87 -11.38 12.20 24.86
C VAL B 87 -12.09 10.86 24.97
N LYS B 88 -13.38 10.82 24.68
CA LYS B 88 -14.11 9.55 24.71
C LYS B 88 -13.54 8.55 23.71
N GLN B 89 -13.15 9.02 22.54
CA GLN B 89 -12.51 8.14 21.56
C GLN B 89 -11.17 7.63 22.08
N ALA B 90 -10.39 8.48 22.74
CA ALA B 90 -9.09 8.07 23.28
C ALA B 90 -9.25 7.05 24.38
N GLU B 91 -10.26 7.23 25.23
CA GLU B 91 -10.54 6.28 26.30
C GLU B 91 -10.93 4.93 25.70
N ALA B 92 -11.78 4.96 24.68
CA ALA B 92 -12.22 3.73 24.01
C ALA B 92 -11.03 3.02 23.35
N LEU B 93 -10.12 3.79 22.79
CA LEU B 93 -8.94 3.23 22.16
C LEU B 93 -8.08 2.49 23.18
N ASP B 94 -7.82 3.13 24.32
CA ASP B 94 -7.04 2.50 25.37
C ASP B 94 -7.67 1.19 25.80
N GLU B 95 -9.00 1.19 25.96
CA GLU B 95 -9.72 0.00 26.40
C GLU B 95 -9.63 -1.11 25.34
N MET B 96 -9.83 -0.75 24.08
CA MET B 96 -9.77 -1.71 22.99
C MET B 96 -8.39 -2.35 22.89
N LEU B 97 -7.35 -1.52 22.97
CA LEU B 97 -5.99 -2.03 22.86
C LEU B 97 -5.62 -2.92 24.05
N GLU B 98 -6.03 -2.54 25.26
CA GLU B 98 -5.70 -3.33 26.45
C GLU B 98 -6.25 -4.75 26.31
N LYS B 99 -7.47 -4.88 25.82
CA LYS B 99 -8.09 -6.20 25.63
C LYS B 99 -7.42 -7.00 24.53
N LYS B 100 -6.71 -6.31 23.65
CA LYS B 100 -5.96 -6.93 22.57
C LYS B 100 -4.49 -7.15 22.93
N GLY B 101 -4.13 -6.92 24.18
CA GLY B 101 -2.75 -7.08 24.63
C GLY B 101 -1.81 -6.09 23.96
N LEU B 102 -2.32 -4.89 23.71
CA LEU B 102 -1.58 -3.84 23.01
C LEU B 102 -1.67 -2.52 23.75
N LYS B 103 -0.89 -1.55 23.29
CA LYS B 103 -0.97 -0.19 23.81
C LYS B 103 -0.50 0.78 22.75
N VAL B 104 -0.87 2.05 22.91
CA VAL B 104 -0.28 3.09 22.08
C VAL B 104 1.15 3.28 22.54
N ASP B 105 2.09 3.19 21.61
CA ASP B 105 3.51 3.30 21.93
C ASP B 105 4.02 4.75 21.89
N HIS B 106 3.61 5.51 20.88
CA HIS B 106 4.05 6.90 20.76
C HIS B 106 2.90 7.73 20.20
N VAL B 107 2.72 8.91 20.75
CA VAL B 107 1.83 9.90 20.17
C VAL B 107 2.67 11.06 19.68
N LEU B 108 2.65 11.30 18.38
CA LEU B 108 3.44 12.36 17.77
C LEU B 108 2.56 13.60 17.60
N LEU B 109 2.86 14.66 18.34
CA LEU B 109 2.15 15.91 18.21
C LEU B 109 2.81 16.75 17.12
N PHE B 110 2.06 17.04 16.08
CA PHE B 110 2.53 17.90 15.00
C PHE B 110 2.36 19.37 15.39
N GLU B 111 3.43 19.98 15.89
CA GLU B 111 3.40 21.34 16.37
C GLU B 111 3.73 22.30 15.24
N VAL B 112 2.83 23.25 14.99
CA VAL B 112 2.96 24.15 13.85
C VAL B 112 1.95 25.30 14.05
N PRO B 113 2.35 26.53 13.72
CA PRO B 113 1.45 27.65 14.00
C PRO B 113 0.15 27.64 13.20
N ASP B 114 -0.92 28.20 13.76
CA ASP B 114 -2.21 28.29 13.09
C ASP B 114 -2.08 28.91 11.71
N GLU B 115 -1.27 29.96 11.60
CA GLU B 115 -1.11 30.66 10.34
C GLU B 115 -0.63 29.72 9.25
N VAL B 116 0.26 28.81 9.62
CA VAL B 116 0.82 27.88 8.65
C VAL B 116 -0.20 26.80 8.25
N VAL B 117 -0.91 26.24 9.23
CA VAL B 117 -1.86 25.19 8.87
C VAL B 117 -3.02 25.73 8.06
N ILE B 118 -3.40 26.98 8.30
CA ILE B 118 -4.49 27.56 7.53
C ILE B 118 -4.06 27.77 6.07
N GLU B 119 -2.83 28.24 5.87
CA GLU B 119 -2.30 28.34 4.52
C GLU B 119 -2.19 26.96 3.86
N ARG B 120 -1.80 25.95 4.64
CA ARG B 120 -1.74 24.58 4.10
C ARG B 120 -3.11 24.05 3.69
N LEU B 121 -4.12 24.27 4.53
CA LEU B 121 -5.48 23.83 4.18
C LEU B 121 -6.02 24.58 2.97
N SER B 122 -5.83 25.89 2.96
N SER B 122 -5.85 25.90 2.97
CA SER B 122 -6.43 26.69 1.90
CA SER B 122 -6.40 26.73 1.90
C SER B 122 -5.86 26.36 0.53
C SER B 122 -5.85 26.34 0.54
N GLY B 123 -4.58 25.96 0.49
CA GLY B 123 -3.92 25.64 -0.76
C GLY B 123 -3.92 24.17 -1.13
N ARG B 124 -4.54 23.33 -0.29
N ARG B 124 -4.56 23.34 -0.31
CA ARG B 124 -4.57 21.90 -0.53
CA ARG B 124 -4.59 21.90 -0.53
C ARG B 124 -5.42 21.55 -1.75
C ARG B 124 -5.44 21.54 -1.75
N ARG B 125 -4.92 20.66 -2.59
CA ARG B 125 -5.66 20.19 -3.77
C ARG B 125 -5.51 18.68 -3.89
N ILE B 126 -6.50 18.05 -4.52
CA ILE B 126 -6.52 16.60 -4.66
C ILE B 126 -6.71 16.23 -6.13
N ASN B 127 -5.98 15.23 -6.60
CA ASN B 127 -6.31 14.60 -7.88
C ASN B 127 -7.43 13.62 -7.59
N PRO B 128 -8.64 13.91 -8.08
CA PRO B 128 -9.81 13.08 -7.74
C PRO B 128 -9.76 11.68 -8.36
N GLU B 129 -8.88 11.46 -9.32
CA GLU B 129 -8.78 10.15 -9.96
C GLU B 129 -7.89 9.20 -9.15
N THR B 130 -6.92 9.76 -8.43
CA THR B 130 -5.93 8.95 -7.73
C THR B 130 -5.93 9.19 -6.22
N GLY B 131 -6.43 10.35 -5.81
CA GLY B 131 -6.38 10.71 -4.40
C GLY B 131 -5.08 11.38 -3.99
N GLU B 132 -4.17 11.61 -4.95
CA GLU B 132 -2.90 12.24 -4.61
C GLU B 132 -3.11 13.69 -4.13
N VAL B 133 -2.37 14.06 -3.10
CA VAL B 133 -2.53 15.35 -2.44
C VAL B 133 -1.42 16.30 -2.87
N TYR B 134 -1.81 17.52 -3.21
CA TYR B 134 -0.88 18.57 -3.64
C TYR B 134 -1.11 19.83 -2.83
N HIS B 135 -0.24 20.82 -3.01
CA HIS B 135 -0.47 22.15 -2.47
C HIS B 135 -0.05 23.18 -3.49
N VAL B 136 -0.88 24.20 -3.72
CA VAL B 136 -0.66 25.16 -4.81
C VAL B 136 0.68 25.90 -4.72
N LYS B 137 1.26 25.97 -3.52
CA LYS B 137 2.56 26.61 -3.35
C LYS B 137 3.64 25.58 -3.04
N TYR B 138 3.40 24.73 -2.04
CA TYR B 138 4.46 23.88 -1.52
C TYR B 138 4.71 22.61 -2.35
N ASN B 139 3.72 22.19 -3.14
CA ASN B 139 3.85 20.97 -3.93
C ASN B 139 2.80 20.96 -5.03
N PRO B 140 2.97 21.81 -6.04
CA PRO B 140 1.91 21.98 -7.05
C PRO B 140 1.78 20.77 -7.97
N PRO B 141 0.56 20.49 -8.44
CA PRO B 141 0.41 19.39 -9.40
C PRO B 141 1.11 19.74 -10.70
N PRO B 142 1.60 18.73 -11.43
CA PRO B 142 2.24 18.97 -12.71
C PRO B 142 1.26 19.63 -13.68
N PRO B 143 1.77 20.40 -14.65
CA PRO B 143 0.87 20.98 -15.64
C PRO B 143 0.07 19.88 -16.34
N GLY B 144 -1.21 20.12 -16.55
CA GLY B 144 -2.06 19.15 -17.21
C GLY B 144 -2.73 18.17 -16.27
N VAL B 145 -2.25 18.12 -15.02
CA VAL B 145 -2.85 17.22 -14.03
C VAL B 145 -4.03 17.91 -13.37
N LYS B 146 -5.22 17.36 -13.60
CA LYS B 146 -6.45 17.97 -13.10
C LYS B 146 -6.59 17.71 -11.60
N VAL B 147 -6.75 18.78 -10.84
CA VAL B 147 -6.99 18.67 -9.42
C VAL B 147 -8.22 19.46 -9.00
N ILE B 148 -8.72 19.17 -7.80
CA ILE B 148 -9.84 19.91 -7.26
C ILE B 148 -9.52 20.42 -5.86
N GLN B 149 -10.21 21.47 -5.46
CA GLN B 149 -10.15 21.93 -4.09
C GLN B 149 -11.39 21.38 -3.41
N LYS B 150 -11.20 20.52 -2.43
N LYS B 150 -11.20 20.52 -2.42
CA LYS B 150 -12.30 19.95 -1.67
CA LYS B 150 -12.30 19.95 -1.67
C LYS B 150 -13.07 21.03 -0.92
C LYS B 150 -13.07 21.02 -0.92
N GLU B 151 -14.37 20.83 -0.75
CA GLU B 151 -15.20 21.76 -0.01
C GLU B 151 -14.74 21.91 1.44
N ASP B 152 -14.18 20.83 2.00
CA ASP B 152 -13.61 20.86 3.34
C ASP B 152 -12.52 21.91 3.49
N ASP B 153 -11.84 22.18 2.38
CA ASP B 153 -10.69 23.08 2.37
C ASP B 153 -11.02 24.47 1.86
N LYS B 154 -12.31 24.81 1.95
CA LYS B 154 -12.76 26.15 1.61
C LYS B 154 -13.11 26.88 2.91
N PRO B 155 -13.23 28.23 2.87
CA PRO B 155 -13.27 29.05 4.09
C PRO B 155 -14.20 28.60 5.22
N GLU B 156 -15.47 28.31 4.94
N GLU B 156 -15.47 28.33 4.92
CA GLU B 156 -16.42 28.06 6.01
CA GLU B 156 -16.44 28.02 5.96
C GLU B 156 -16.21 26.72 6.71
C GLU B 156 -16.03 26.77 6.74
N VAL B 157 -15.71 25.71 6.00
CA VAL B 157 -15.44 24.43 6.63
C VAL B 157 -14.04 24.38 7.29
N ILE B 158 -13.08 25.11 6.73
CA ILE B 158 -11.80 25.32 7.40
C ILE B 158 -12.02 25.91 8.78
N LYS B 159 -12.84 26.95 8.86
CA LYS B 159 -13.12 27.63 10.11
C LYS B 159 -13.73 26.65 11.12
N LYS B 160 -14.72 25.89 10.68
CA LYS B 160 -15.38 24.91 11.55
C LYS B 160 -14.43 23.80 12.02
N ARG B 161 -13.64 23.24 11.10
CA ARG B 161 -12.74 22.14 11.45
C ARG B 161 -11.70 22.58 12.48
N LEU B 162 -11.24 23.82 12.37
CA LEU B 162 -10.29 24.34 13.36
C LEU B 162 -10.95 24.59 14.72
N GLU B 163 -12.16 25.13 14.71
CA GLU B 163 -12.93 25.29 15.95
C GLU B 163 -13.13 23.94 16.66
N VAL B 164 -13.57 22.95 15.90
CA VAL B 164 -13.74 21.60 16.40
C VAL B 164 -12.43 21.03 16.97
N TYR B 165 -11.34 21.21 16.25
CA TYR B 165 -10.03 20.77 16.74
C TYR B 165 -9.69 21.40 18.11
N ARG B 166 -9.80 22.73 18.20
CA ARG B 166 -9.45 23.41 19.44
C ARG B 166 -10.33 22.97 20.62
N GLU B 167 -11.62 22.78 20.35
CA GLU B 167 -12.58 22.46 21.40
C GLU B 167 -12.53 20.99 21.82
N GLN B 168 -12.52 20.08 20.86
CA GLN B 168 -12.70 18.66 21.15
C GLN B 168 -11.42 17.82 21.10
N THR B 169 -10.48 18.22 20.25
CA THR B 169 -9.31 17.37 19.97
C THR B 169 -8.05 17.78 20.73
N ALA B 170 -7.83 19.09 20.85
CA ALA B 170 -6.67 19.60 21.58
C ALA B 170 -6.49 19.09 23.03
N PRO B 171 -7.60 18.80 23.75
CA PRO B 171 -7.40 18.19 25.07
C PRO B 171 -6.64 16.86 25.06
N LEU B 172 -6.56 16.20 23.92
CA LEU B 172 -5.80 14.96 23.83
C LEU B 172 -4.31 15.17 24.05
N ILE B 173 -3.84 16.40 23.89
CA ILE B 173 -2.43 16.68 24.12
C ILE B 173 -2.05 16.41 25.59
N GLU B 174 -2.80 16.99 26.51
CA GLU B 174 -2.60 16.74 27.93
C GLU B 174 -2.91 15.29 28.29
N TYR B 175 -3.93 14.72 27.64
CA TYR B 175 -4.33 13.33 27.87
C TYR B 175 -3.13 12.41 27.69
N TYR B 176 -2.41 12.59 26.59
CA TYR B 176 -1.27 11.73 26.27
C TYR B 176 0.02 12.15 26.98
N LYS B 177 0.15 13.43 27.30
CA LYS B 177 1.30 13.94 28.02
C LYS B 177 1.38 13.27 29.40
N LYS B 178 0.23 13.13 30.05
CA LYS B 178 0.15 12.47 31.36
C LYS B 178 0.58 11.01 31.28
N LYS B 179 0.45 10.40 30.11
N LYS B 179 0.45 10.41 30.11
CA LYS B 179 0.81 9.01 29.91
CA LYS B 179 0.82 9.01 29.92
C LYS B 179 2.31 8.85 29.62
C LYS B 179 2.30 8.86 29.61
N GLY B 180 2.97 9.98 29.36
CA GLY B 180 4.39 9.97 29.10
C GLY B 180 4.78 9.45 27.72
N ILE B 181 3.84 9.47 26.78
CA ILE B 181 4.13 8.93 25.45
C ILE B 181 4.06 9.98 24.34
N LEU B 182 3.94 11.25 24.72
CA LEU B 182 3.85 12.34 23.76
C LEU B 182 5.22 12.81 23.29
N ARG B 183 5.40 12.81 21.97
N ARG B 183 5.41 12.82 21.98
CA ARG B 183 6.62 13.33 21.36
CA ARG B 183 6.64 13.33 21.39
C ARG B 183 6.20 14.51 20.51
C ARG B 183 6.25 14.49 20.48
N ILE B 184 6.91 15.62 20.64
CA ILE B 184 6.59 16.81 19.86
C ILE B 184 7.49 16.86 18.63
N ILE B 185 6.87 16.94 17.45
CA ILE B 185 7.68 17.17 16.25
C ILE B 185 7.37 18.54 15.68
N ASP B 186 8.39 19.16 15.08
CA ASP B 186 8.21 20.46 14.48
C ASP B 186 7.69 20.29 13.06
N ALA B 187 6.37 20.43 12.92
CA ALA B 187 5.69 20.20 11.66
C ALA B 187 5.70 21.45 10.77
N SER B 188 6.39 22.49 11.20
CA SER B 188 6.48 23.73 10.41
C SER B 188 7.55 23.63 9.33
N LYS B 189 8.42 22.63 9.44
CA LYS B 189 9.51 22.39 8.50
C LYS B 189 8.98 21.78 7.20
N PRO B 190 9.82 21.72 6.14
CA PRO B 190 9.40 21.06 4.91
C PRO B 190 9.14 19.56 5.10
N VAL B 191 8.42 18.97 4.15
CA VAL B 191 7.98 17.57 4.24
C VAL B 191 9.11 16.59 4.53
N GLU B 192 10.24 16.74 3.84
N GLU B 192 10.25 16.73 3.85
CA GLU B 192 11.37 15.83 4.03
CA GLU B 192 11.36 15.81 4.03
C GLU B 192 11.92 15.90 5.45
C GLU B 192 11.92 15.90 5.45
N GLU B 193 12.03 17.11 5.98
CA GLU B 193 12.54 17.32 7.34
C GLU B 193 11.59 16.81 8.41
N VAL B 194 10.29 16.97 8.19
CA VAL B 194 9.30 16.42 9.11
C VAL B 194 9.38 14.89 9.11
N TYR B 195 9.54 14.31 7.92
CA TYR B 195 9.63 12.86 7.81
C TYR B 195 10.84 12.32 8.55
N ARG B 196 11.97 13.01 8.46
CA ARG B 196 13.16 12.57 9.18
C ARG B 196 12.91 12.57 10.70
N GLN B 197 12.16 13.57 11.18
CA GLN B 197 11.80 13.63 12.59
C GLN B 197 10.91 12.46 12.98
N VAL B 198 9.96 12.13 12.11
CA VAL B 198 9.06 11.01 12.36
C VAL B 198 9.85 9.71 12.49
N LEU B 199 10.80 9.49 11.57
CA LEU B 199 11.63 8.29 11.61
C LEU B 199 12.46 8.20 12.88
N GLU B 200 12.92 9.34 13.39
CA GLU B 200 13.73 9.39 14.60
C GLU B 200 12.93 8.91 15.82
N VAL B 201 11.67 9.33 15.90
CA VAL B 201 10.81 8.96 17.02
C VAL B 201 10.60 7.46 17.09
N ILE B 202 10.41 6.83 15.94
CA ILE B 202 10.04 5.42 15.91
C ILE B 202 11.23 4.45 15.78
N GLY B 203 12.36 4.96 15.30
CA GLY B 203 13.54 4.12 15.10
C GLY B 203 14.05 3.47 16.37
PB ADP C . 8.35 -9.00 -13.24
O1B ADP C . 7.27 -8.70 -14.23
O2B ADP C . 8.18 -8.28 -11.92
O3B ADP C . 8.63 -10.48 -13.13
PA ADP C . 10.90 -9.02 -14.68
O1A ADP C . 11.79 -9.83 -13.78
O2A ADP C . 10.37 -9.65 -15.94
O3A ADP C . 9.70 -8.32 -13.84
O5' ADP C . 11.71 -7.71 -15.11
C5' ADP C . 11.10 -6.74 -15.98
C4' ADP C . 12.11 -6.12 -16.93
O4' ADP C . 13.03 -5.29 -16.21
C3' ADP C . 12.96 -7.14 -17.63
O3' ADP C . 13.21 -6.63 -18.95
C2' ADP C . 14.24 -7.20 -16.81
O2' ADP C . 15.36 -7.51 -17.64
C1' ADP C . 14.36 -5.79 -16.29
N9 ADP C . 14.80 -5.65 -14.89
C8 ADP C . 14.55 -6.49 -13.86
N7 ADP C . 15.04 -5.98 -12.71
C5 ADP C . 15.61 -4.79 -13.00
C6 ADP C . 16.32 -3.73 -12.24
N6 ADP C . 16.54 -3.82 -10.92
N1 ADP C . 16.74 -2.66 -12.95
C2 ADP C . 16.53 -2.55 -14.28
N3 ADP C . 15.91 -3.46 -15.02
C4 ADP C . 15.44 -4.59 -14.43
PB ADP D . 4.50 -10.24 -15.68
O1B ADP D . 4.27 -10.07 -17.16
O2B ADP D . 5.84 -10.83 -15.33
O3B ADP D . 4.15 -9.04 -14.83
PA ADP D . 3.28 -12.92 -15.13
O1A ADP D . 3.14 -13.25 -13.68
O2A ADP D . 4.34 -13.62 -15.95
O3A ADP D . 3.38 -11.30 -15.15
O5' ADP D . 1.86 -13.18 -15.82
C5' ADP D . 1.60 -12.93 -17.19
C4' ADP D . 0.11 -13.18 -17.36
O4' ADP D . -0.23 -14.49 -16.88
C3' ADP D . -0.73 -12.24 -16.51
O3' ADP D . -0.95 -10.97 -17.11
C2' ADP D . -2.00 -13.04 -16.32
O2' ADP D . -2.75 -12.99 -17.54
C1' ADP D . -1.48 -14.46 -16.20
N9 ADP D . -1.23 -14.79 -14.78
C8 ADP D . -0.03 -15.09 -14.23
N7 ADP D . -0.18 -15.38 -12.92
C5 ADP D . -1.50 -15.30 -12.63
C6 ADP D . -2.34 -15.48 -11.44
N6 ADP D . -1.78 -15.83 -10.26
N1 ADP D . -3.67 -15.30 -11.55
C2 ADP D . -4.24 -14.95 -12.73
N3 ADP D . -3.54 -14.77 -13.85
C4 ADP D . -2.18 -14.92 -13.86
PB ADP E . -8.94 14.64 5.95
O1B ADP E . -8.75 13.14 5.95
O2B ADP E . -10.20 15.10 5.23
O3B ADP E . -7.72 15.51 5.72
PA ADP E . -10.10 14.18 8.62
O1A ADP E . -9.30 13.16 9.37
O2A ADP E . -10.45 15.44 9.38
O3A ADP E . -9.30 14.98 7.47
O5' ADP E . -11.50 13.56 8.17
C5' ADP E . -12.48 14.33 7.47
C4' ADP E . -13.77 14.37 8.29
O4' ADP E . -14.19 13.06 8.69
C3' ADP E . -13.66 15.12 9.60
O3' ADP E . -13.72 16.55 9.44
C2' ADP E . -14.85 14.57 10.36
O2' ADP E . -16.06 15.11 9.82
C1' ADP E . -14.79 13.10 9.98
N9 ADP E . -13.90 12.37 10.89
C8 ADP E . -12.67 11.87 10.59
N7 ADP E . -12.14 11.23 11.65
C5 ADP E . -13.03 11.31 12.66
C6 ADP E . -13.09 10.85 14.06
N6 ADP E . -12.06 10.15 14.63
N1 ADP E . -14.21 11.13 14.77
C2 ADP E . -15.23 11.80 14.22
N3 ADP E . -15.24 12.25 12.96
C4 ADP E . -14.19 12.04 12.14
PB ADP F . -3.46 16.84 7.64
O1B ADP F . -3.58 15.39 7.27
O2B ADP F . -4.76 17.63 7.60
O3B ADP F . -2.68 17.08 8.92
PA ADP F . -2.08 17.08 5.05
O1A ADP F . -1.04 16.00 5.14
O2A ADP F . -3.30 16.90 4.19
O3A ADP F . -2.49 17.54 6.55
O5' ADP F . -1.31 18.38 4.53
C5' ADP F . -2.02 19.62 4.39
C4' ADP F . -1.55 20.38 3.15
O4' ADP F . -0.22 20.87 3.35
C3' ADP F . -1.52 19.52 1.90
O3' ADP F . -1.88 20.39 0.82
C2' ADP F . -0.06 19.10 1.78
O2' ADP F . 0.34 18.97 0.41
C1' ADP F . 0.70 20.23 2.45
N9 ADP F . 1.79 19.84 3.35
C8 ADP F . 1.84 18.76 4.18
N7 ADP F . 2.98 18.80 4.92
C5 ADP F . 3.65 19.91 4.57
C6 ADP F . 4.92 20.54 4.94
N6 ADP F . 5.71 19.98 5.88
N1 ADP F . 5.25 21.70 4.32
C2 ADP F . 4.47 22.26 3.39
N3 ADP F . 3.29 21.75 3.00
C4 ADP F . 2.86 20.59 3.54
#